data_4XTW
#
_entry.id   4XTW
#
_cell.length_a   63.076
_cell.length_b   68.939
_cell.length_c   115.094
_cell.angle_alpha   90.0
_cell.angle_beta   90.0
_cell.angle_gamma   90.0
#
_symmetry.space_group_name_H-M   'P 21 21 21'
#
loop_
_entity.id
_entity.type
_entity.pdbx_description
1 polymer 'Bifunctional ligase/repressor BirA'
2 non-polymer "2'-azido-2',5'-dideoxy-5'-[({5-[(3aS,4S,6aR)-2-oxohexahydro-1H-thieno[3,4-d]imidazol-4-yl]pentanoyl}sulfamoyl)amino]adenosine"
3 non-polymer 1,2-ETHANEDIOL
4 water water
#
_entity_poly.entity_id   1
_entity_poly.type   'polypeptide(L)'
_entity_poly.pdbx_seq_one_letter_code
;GSHMVTDRDRLRPPLDERSLRDQLIGAGSGWRQLDVVAQTGSTNADLLARAASGADIDGVVLIAEHQTAGRGRHGRGWAA
TARAQIILSVGVRVVDVPVQAWGWLSLAAGLAVLDSVAPLIAVPPAETGLKWPNDVLARGGKLAGILAEVAQPFVVLGVG
LNVTQAPEEVDPDATSLLDLGVAAPDRNRIASRLLRELEARIIQWRNANPQLAADYRARSLTIGSRVRVELPGGQDVVGI
ARDIDDQGRLCLDVGGRTVVVSAGDVVHLR
;
_entity_poly.pdbx_strand_id   A,B
#
# COMPACT_ATOMS: atom_id res chain seq x y z
N VAL A 5 -29.75 8.23 30.53
CA VAL A 5 -30.59 8.75 31.61
C VAL A 5 -31.96 8.06 31.57
N THR A 6 -32.73 8.23 32.64
CA THR A 6 -34.04 7.60 32.76
C THR A 6 -35.07 8.23 31.83
N ASP A 7 -34.84 9.48 31.45
CA ASP A 7 -35.74 10.18 30.54
C ASP A 7 -35.64 9.61 29.13
N ARG A 8 -34.46 9.17 28.75
CA ARG A 8 -34.23 8.63 27.41
C ARG A 8 -34.91 7.27 27.25
N ASP A 9 -35.19 6.62 28.37
CA ASP A 9 -35.85 5.31 28.34
C ASP A 9 -37.24 5.42 27.71
N ARG A 10 -37.88 6.57 27.90
CA ARG A 10 -39.18 6.83 27.31
C ARG A 10 -39.07 6.96 25.79
N LEU A 11 -37.87 7.33 25.34
CA LEU A 11 -37.61 7.52 23.91
C LEU A 11 -37.11 6.23 23.28
N ARG A 12 -37.23 5.12 24.00
CA ARG A 12 -36.72 3.85 23.52
C ARG A 12 -37.77 2.73 23.51
N PRO A 13 -38.77 2.84 22.61
CA PRO A 13 -39.73 1.75 22.45
C PRO A 13 -39.09 0.54 21.77
N PRO A 14 -39.61 -0.67 22.03
CA PRO A 14 -39.02 -1.87 21.44
C PRO A 14 -39.20 -1.92 19.93
N LEU A 15 -38.35 -2.70 19.26
CA LEU A 15 -38.47 -2.90 17.82
C LEU A 15 -39.68 -3.78 17.51
N ASP A 16 -40.23 -3.62 16.31
CA ASP A 16 -41.34 -4.43 15.85
C ASP A 16 -40.84 -5.48 14.87
N GLU A 17 -40.63 -6.70 15.34
CA GLU A 17 -40.09 -7.78 14.52
C GLU A 17 -41.00 -8.12 13.35
N ARG A 18 -42.29 -8.30 13.63
CA ARG A 18 -43.27 -8.64 12.61
C ARG A 18 -43.30 -7.64 11.46
N SER A 19 -43.26 -6.35 11.81
CA SER A 19 -43.30 -5.29 10.81
C SER A 19 -42.04 -5.24 9.95
N LEU A 20 -40.89 -5.40 10.59
CA LEU A 20 -39.62 -5.43 9.86
C LEU A 20 -39.58 -6.60 8.88
N ARG A 21 -40.13 -7.73 9.29
CA ARG A 21 -40.19 -8.91 8.44
C ARG A 21 -41.06 -8.64 7.22
N ASP A 22 -42.21 -8.02 7.45
CA ASP A 22 -43.14 -7.69 6.37
C ASP A 22 -42.49 -6.77 5.34
N GLN A 23 -41.71 -5.82 5.81
CA GLN A 23 -41.07 -4.84 4.94
C GLN A 23 -39.86 -5.38 4.20
N LEU A 24 -39.12 -6.28 4.86
CA LEU A 24 -37.78 -6.64 4.38
C LEU A 24 -37.67 -8.05 3.81
N ILE A 25 -38.63 -8.91 4.12
CA ILE A 25 -38.61 -10.27 3.58
C ILE A 25 -39.73 -10.48 2.57
N GLY A 26 -39.36 -10.99 1.39
CA GLY A 26 -40.33 -11.24 0.34
C GLY A 26 -39.77 -10.94 -1.05
N ALA A 27 -40.67 -10.73 -2.00
CA ALA A 27 -40.27 -10.45 -3.38
C ALA A 27 -39.53 -9.13 -3.49
N GLY A 28 -38.47 -9.11 -4.29
CA GLY A 28 -37.71 -7.91 -4.53
C GLY A 28 -36.65 -7.64 -3.46
N SER A 29 -36.61 -8.50 -2.44
CA SER A 29 -35.64 -8.33 -1.36
C SER A 29 -34.78 -9.58 -1.18
N GLY A 30 -33.48 -9.37 -0.99
CA GLY A 30 -32.54 -10.47 -0.86
C GLY A 30 -32.49 -11.08 0.53
N TRP A 31 -32.97 -10.35 1.53
CA TRP A 31 -32.97 -10.85 2.91
C TRP A 31 -33.91 -12.04 3.05
N ARG A 32 -33.38 -13.16 3.53
CA ARG A 32 -34.16 -14.38 3.66
C ARG A 32 -34.75 -14.56 5.06
N GLN A 33 -34.04 -14.08 6.06
CA GLN A 33 -34.42 -14.32 7.44
C GLN A 33 -34.07 -13.14 8.35
N LEU A 34 -35.01 -12.75 9.20
CA LEU A 34 -34.79 -11.68 10.16
C LEU A 34 -35.32 -12.06 11.53
N ASP A 35 -34.51 -11.87 12.56
CA ASP A 35 -34.93 -12.12 13.93
C ASP A 35 -34.52 -10.97 14.85
N VAL A 36 -35.41 -10.63 15.77
CA VAL A 36 -35.09 -9.67 16.82
C VAL A 36 -35.05 -10.39 18.16
N VAL A 37 -33.87 -10.46 18.76
CA VAL A 37 -33.73 -11.08 20.08
C VAL A 37 -33.63 -9.98 21.14
N ALA A 38 -34.14 -10.28 22.33
CA ALA A 38 -34.14 -9.33 23.43
C ALA A 38 -32.72 -9.01 23.90
N GLN A 39 -31.85 -10.02 23.90
CA GLN A 39 -30.50 -9.85 24.40
C GLN A 39 -29.57 -10.97 23.91
N THR A 40 -28.31 -10.63 23.71
CA THR A 40 -27.28 -11.61 23.40
C THR A 40 -25.91 -11.07 23.76
N GLY A 41 -24.89 -11.93 23.73
CA GLY A 41 -23.53 -11.51 24.00
C GLY A 41 -22.99 -10.64 22.87
N SER A 42 -23.07 -11.17 21.66
CA SER A 42 -22.59 -10.47 20.47
C SER A 42 -23.28 -11.03 19.23
N THR A 43 -24.01 -10.18 18.51
CA THR A 43 -24.75 -10.63 17.33
C THR A 43 -23.81 -11.17 16.27
N ASN A 44 -22.59 -10.64 16.21
CA ASN A 44 -21.58 -11.16 15.31
C ASN A 44 -21.19 -12.58 15.70
N ALA A 45 -20.95 -12.80 16.98
CA ALA A 45 -20.56 -14.11 17.49
C ALA A 45 -21.65 -15.15 17.21
N ASP A 46 -22.90 -14.73 17.32
CA ASP A 46 -24.03 -15.64 17.09
C ASP A 46 -24.08 -16.12 15.64
N LEU A 47 -23.98 -15.20 14.69
CA LEU A 47 -24.03 -15.57 13.27
C LEU A 47 -22.79 -16.36 12.86
N LEU A 48 -21.68 -16.11 13.54
CA LEU A 48 -20.46 -16.88 13.30
C LEU A 48 -20.64 -18.31 13.79
N ALA A 49 -21.32 -18.45 14.94
CA ALA A 49 -21.59 -19.75 15.52
C ALA A 49 -22.55 -20.57 14.64
N ARG A 50 -23.55 -19.89 14.08
CA ARG A 50 -24.49 -20.53 13.18
C ARG A 50 -23.79 -21.07 11.94
N ALA A 51 -22.93 -20.25 11.36
CA ALA A 51 -22.19 -20.63 10.16
C ALA A 51 -21.26 -21.80 10.45
N ALA A 52 -20.62 -21.76 11.62
CA ALA A 52 -19.68 -22.82 12.01
C ALA A 52 -20.39 -24.15 12.20
N SER A 53 -21.71 -24.11 12.38
CA SER A 53 -22.49 -25.33 12.56
C SER A 53 -23.25 -25.71 11.30
N GLY A 54 -22.87 -25.12 10.17
CA GLY A 54 -23.37 -25.55 8.88
C GLY A 54 -24.50 -24.75 8.26
N ALA A 55 -25.04 -23.79 9.02
CA ALA A 55 -26.16 -22.98 8.55
C ALA A 55 -25.75 -22.05 7.41
N ASP A 56 -26.65 -21.87 6.45
CA ASP A 56 -26.45 -20.89 5.39
C ASP A 56 -26.93 -19.52 5.87
N ILE A 57 -26.00 -18.65 6.21
CA ILE A 57 -26.35 -17.36 6.80
C ILE A 57 -26.41 -16.23 5.78
N ASP A 58 -26.31 -16.57 4.49
CA ASP A 58 -26.41 -15.56 3.45
C ASP A 58 -27.81 -14.94 3.43
N GLY A 59 -27.86 -13.62 3.55
CA GLY A 59 -29.14 -12.92 3.56
C GLY A 59 -29.89 -13.06 4.88
N VAL A 60 -29.18 -13.46 5.93
CA VAL A 60 -29.78 -13.61 7.25
C VAL A 60 -29.48 -12.40 8.12
N VAL A 61 -30.49 -11.89 8.81
CA VAL A 61 -30.35 -10.71 9.65
C VAL A 61 -30.67 -11.01 11.12
N LEU A 62 -29.74 -10.68 12.00
CA LEU A 62 -29.97 -10.81 13.43
C LEU A 62 -29.88 -9.45 14.13
N ILE A 63 -30.95 -9.06 14.81
CA ILE A 63 -30.97 -7.80 15.53
C ILE A 63 -31.16 -8.04 17.03
N ALA A 64 -30.38 -7.33 17.85
CA ALA A 64 -30.52 -7.43 19.30
C ALA A 64 -30.90 -6.10 19.92
N GLU A 65 -31.88 -6.13 20.81
CA GLU A 65 -32.27 -4.93 21.56
C GLU A 65 -31.13 -4.53 22.48
N HIS A 66 -30.43 -5.52 23.02
CA HIS A 66 -29.33 -5.28 23.94
C HIS A 66 -28.17 -6.23 23.65
N GLN A 67 -26.95 -5.73 23.85
CA GLN A 67 -25.74 -6.52 23.63
C GLN A 67 -24.80 -6.36 24.81
N THR A 68 -24.49 -7.46 25.49
CA THR A 68 -23.77 -7.40 26.76
C THR A 68 -22.27 -7.64 26.63
N ALA A 69 -21.84 -8.24 25.53
CA ALA A 69 -20.41 -8.48 25.31
C ALA A 69 -20.03 -8.12 23.88
N GLY A 70 -20.40 -6.92 23.46
CA GLY A 70 -20.15 -6.46 22.11
C GLY A 70 -18.67 -6.44 21.75
N ARG A 71 -18.37 -6.60 20.47
CA ARG A 71 -16.99 -6.68 20.01
C ARG A 71 -16.64 -5.56 19.04
N GLY A 72 -15.45 -5.00 19.21
CA GLY A 72 -14.92 -4.01 18.30
C GLY A 72 -13.77 -4.62 17.50
N ARG A 73 -13.09 -3.79 16.71
CA ARG A 73 -11.97 -4.28 15.92
C ARG A 73 -10.77 -4.64 16.79
N HIS A 74 -9.98 -5.59 16.29
CA HIS A 74 -8.80 -6.14 16.97
C HIS A 74 -8.87 -6.17 18.50
N GLY A 75 -9.78 -6.98 19.03
CA GLY A 75 -9.80 -7.28 20.45
C GLY A 75 -10.53 -6.29 21.35
N ARG A 76 -11.01 -5.19 20.77
CA ARG A 76 -11.70 -4.18 21.56
C ARG A 76 -13.14 -4.57 21.85
N GLY A 77 -13.80 -3.78 22.69
CA GLY A 77 -15.20 -4.04 23.02
C GLY A 77 -16.14 -3.05 22.37
N TRP A 78 -17.43 -3.29 22.55
CA TRP A 78 -18.46 -2.36 22.10
C TRP A 78 -19.55 -2.28 23.16
N ALA A 79 -19.75 -1.09 23.70
CA ALA A 79 -20.68 -0.92 24.82
C ALA A 79 -22.07 -0.51 24.34
N ALA A 80 -23.08 -0.95 25.08
CA ALA A 80 -24.47 -0.67 24.72
C ALA A 80 -25.40 -0.82 25.92
N THR A 81 -26.52 -0.12 25.88
CA THR A 81 -27.61 -0.36 26.83
C THR A 81 -28.86 -0.69 26.04
N ALA A 82 -29.87 -1.23 26.72
CA ALA A 82 -31.07 -1.73 26.06
C ALA A 82 -31.79 -0.67 25.22
N ARG A 83 -32.07 -1.02 23.96
CA ARG A 83 -32.92 -0.24 23.07
C ARG A 83 -32.38 1.16 22.75
N ALA A 84 -31.10 1.37 23.00
CA ALA A 84 -30.48 2.68 22.75
C ALA A 84 -29.79 2.71 21.39
N GLN A 85 -29.59 1.53 20.80
CA GLN A 85 -28.93 1.43 19.51
C GLN A 85 -29.71 0.53 18.55
N ILE A 86 -29.31 0.58 17.28
CA ILE A 86 -29.65 -0.49 16.36
C ILE A 86 -28.44 -1.42 16.32
N ILE A 87 -28.62 -2.63 16.83
CA ILE A 87 -27.54 -3.59 16.94
C ILE A 87 -27.84 -4.81 16.08
N LEU A 88 -27.18 -4.91 14.94
CA LEU A 88 -27.47 -6.02 14.03
C LEU A 88 -26.24 -6.63 13.39
N SER A 89 -26.38 -7.88 12.96
CA SER A 89 -25.37 -8.56 12.17
C SER A 89 -26.01 -9.17 10.92
N VAL A 90 -25.23 -9.25 9.85
CA VAL A 90 -25.73 -9.72 8.57
C VAL A 90 -24.74 -10.71 7.95
N GLY A 91 -25.27 -11.80 7.38
CA GLY A 91 -24.43 -12.78 6.72
C GLY A 91 -24.33 -12.53 5.23
N VAL A 92 -23.11 -12.58 4.70
CA VAL A 92 -22.88 -12.37 3.28
C VAL A 92 -21.95 -13.44 2.69
N ARG A 93 -22.43 -14.17 1.69
CA ARG A 93 -21.59 -15.13 0.99
C ARG A 93 -20.58 -14.40 0.12
N VAL A 94 -19.30 -14.71 0.30
CA VAL A 94 -18.23 -13.95 -0.33
C VAL A 94 -17.25 -14.80 -1.15
N VAL A 95 -17.39 -16.11 -1.06
CA VAL A 95 -16.42 -17.03 -1.68
C VAL A 95 -16.35 -16.88 -3.20
N ASP A 96 -17.43 -16.39 -3.81
CA ASP A 96 -17.47 -16.19 -5.26
C ASP A 96 -16.74 -14.92 -5.69
N VAL A 97 -16.35 -14.12 -4.71
CA VAL A 97 -15.65 -12.86 -4.98
C VAL A 97 -14.17 -13.00 -4.62
N PRO A 98 -13.27 -12.49 -5.49
CA PRO A 98 -11.83 -12.50 -5.20
C PRO A 98 -11.50 -11.94 -3.82
N VAL A 99 -10.58 -12.59 -3.13
CA VAL A 99 -10.27 -12.25 -1.74
C VAL A 99 -9.70 -10.84 -1.61
N GLN A 100 -9.12 -10.32 -2.70
CA GLN A 100 -8.56 -8.98 -2.71
C GLN A 100 -9.62 -7.90 -2.51
N ALA A 101 -10.87 -8.22 -2.84
CA ALA A 101 -11.95 -7.24 -2.82
C ALA A 101 -12.77 -7.28 -1.53
N TRP A 102 -12.44 -8.21 -0.64
CA TRP A 102 -13.22 -8.39 0.59
C TRP A 102 -13.16 -7.17 1.51
N GLY A 103 -12.08 -6.40 1.42
CA GLY A 103 -11.92 -5.23 2.26
C GLY A 103 -12.97 -4.18 1.97
N TRP A 104 -13.45 -4.14 0.73
CA TRP A 104 -14.44 -3.15 0.33
C TRP A 104 -15.82 -3.40 0.92
N LEU A 105 -16.06 -4.65 1.35
CA LEU A 105 -17.35 -5.02 1.91
C LEU A 105 -17.64 -4.22 3.18
N SER A 106 -16.60 -3.99 3.97
CA SER A 106 -16.74 -3.23 5.21
C SER A 106 -16.95 -1.74 4.93
N LEU A 107 -16.28 -1.23 3.91
CA LEU A 107 -16.43 0.17 3.51
C LEU A 107 -17.84 0.41 2.99
N ALA A 108 -18.38 -0.58 2.29
CA ALA A 108 -19.72 -0.49 1.73
C ALA A 108 -20.77 -0.39 2.83
N ALA A 109 -20.52 -1.11 3.93
CA ALA A 109 -21.46 -1.15 5.04
C ALA A 109 -21.57 0.21 5.73
N GLY A 110 -20.44 0.86 5.95
CA GLY A 110 -20.41 2.18 6.56
C GLY A 110 -21.12 3.20 5.70
N LEU A 111 -20.96 3.05 4.38
CA LEU A 111 -21.63 3.90 3.41
C LEU A 111 -23.15 3.74 3.54
N ALA A 112 -23.59 2.50 3.73
CA ALA A 112 -25.01 2.20 3.87
C ALA A 112 -25.58 2.81 5.15
N VAL A 113 -24.84 2.68 6.25
CA VAL A 113 -25.26 3.22 7.53
C VAL A 113 -25.38 4.74 7.48
N LEU A 114 -24.39 5.39 6.87
CA LEU A 114 -24.39 6.84 6.75
C LEU A 114 -25.60 7.34 5.98
N ASP A 115 -25.85 6.74 4.81
CA ASP A 115 -26.94 7.15 3.95
C ASP A 115 -28.31 6.91 4.59
N SER A 116 -28.37 5.99 5.54
CA SER A 116 -29.63 5.63 6.17
C SER A 116 -30.07 6.65 7.23
N VAL A 117 -29.13 7.43 7.74
CA VAL A 117 -29.43 8.38 8.81
C VAL A 117 -29.06 9.82 8.45
N ALA A 118 -28.35 10.00 7.35
CA ALA A 118 -27.90 11.33 6.92
C ALA A 118 -29.03 12.37 6.82
N PRO A 119 -30.17 12.02 6.20
CA PRO A 119 -31.18 13.09 6.07
C PRO A 119 -31.90 13.41 7.38
N LEU A 120 -31.75 12.57 8.40
CA LEU A 120 -32.41 12.81 9.68
C LEU A 120 -31.80 13.98 10.43
N ILE A 121 -30.56 14.31 10.08
CA ILE A 121 -29.87 15.45 10.68
C ILE A 121 -30.41 16.75 10.08
N ALA A 122 -30.76 17.70 10.95
CA ALA A 122 -31.35 18.98 10.53
C ALA A 122 -30.48 19.68 9.49
N VAL A 123 -29.29 20.08 9.89
CA VAL A 123 -28.33 20.63 8.94
C VAL A 123 -26.97 19.93 9.12
N PRO A 124 -26.31 19.58 8.01
CA PRO A 124 -24.97 18.98 8.02
C PRO A 124 -23.97 19.75 8.88
N PRO A 125 -23.63 19.23 10.07
CA PRO A 125 -22.60 19.89 10.87
C PRO A 125 -21.22 19.60 10.28
N ALA A 126 -20.18 20.21 10.83
CA ALA A 126 -18.82 19.85 10.43
C ALA A 126 -18.58 18.39 10.78
N GLU A 127 -17.78 17.71 9.97
CA GLU A 127 -17.40 16.31 10.21
C GLU A 127 -18.59 15.35 10.22
N THR A 128 -19.36 15.34 9.13
CA THR A 128 -20.38 14.31 8.94
C THR A 128 -20.05 13.47 7.72
N GLY A 129 -19.58 12.25 7.96
CA GLY A 129 -19.19 11.36 6.88
C GLY A 129 -18.52 10.10 7.40
N LEU A 130 -17.66 9.53 6.56
CA LEU A 130 -17.01 8.26 6.88
C LEU A 130 -15.53 8.44 7.20
N LYS A 131 -15.11 7.94 8.35
CA LYS A 131 -13.69 7.85 8.66
C LYS A 131 -13.20 6.44 8.39
N TRP A 132 -12.11 6.33 7.64
CA TRP A 132 -11.53 5.04 7.30
C TRP A 132 -11.07 4.32 8.57
N PRO A 133 -11.38 3.02 8.69
CA PRO A 133 -12.14 2.24 7.70
C PRO A 133 -13.61 2.03 8.05
N ASN A 134 -13.93 1.91 9.33
CA ASN A 134 -15.25 1.45 9.75
C ASN A 134 -16.03 2.43 10.62
N ASP A 135 -15.83 3.73 10.39
CA ASP A 135 -16.41 4.74 11.28
C ASP A 135 -17.34 5.73 10.60
N VAL A 136 -18.55 5.84 11.14
CA VAL A 136 -19.49 6.88 10.73
C VAL A 136 -19.42 8.02 11.74
N LEU A 137 -18.90 9.16 11.32
CA LEU A 137 -18.75 10.31 12.21
C LEU A 137 -19.82 11.36 11.95
N ALA A 138 -20.18 12.06 13.02
CA ALA A 138 -21.06 13.21 12.94
C ALA A 138 -20.66 14.19 14.03
N ARG A 139 -20.26 15.39 13.61
CA ARG A 139 -19.76 16.42 14.53
C ARG A 139 -18.51 15.97 15.27
N GLY A 140 -17.78 15.04 14.64
CA GLY A 140 -16.58 14.51 15.24
C GLY A 140 -16.80 13.31 16.13
N GLY A 141 -18.03 13.14 16.61
CA GLY A 141 -18.38 12.02 17.46
C GLY A 141 -18.62 10.76 16.64
N LYS A 142 -18.36 9.61 17.25
CA LYS A 142 -18.57 8.33 16.56
C LYS A 142 -20.03 7.91 16.65
N LEU A 143 -20.73 8.01 15.52
CA LEU A 143 -22.15 7.70 15.45
C LEU A 143 -22.41 6.21 15.31
N ALA A 144 -21.49 5.51 14.63
CA ALA A 144 -21.65 4.08 14.40
C ALA A 144 -20.31 3.40 14.10
N GLY A 145 -20.23 2.12 14.45
CA GLY A 145 -19.03 1.33 14.20
C GLY A 145 -19.35 0.03 13.48
N ILE A 146 -18.51 -0.35 12.53
CA ILE A 146 -18.73 -1.52 11.69
C ILE A 146 -17.65 -2.58 11.93
N LEU A 147 -18.07 -3.84 12.07
CA LEU A 147 -17.13 -4.94 12.27
C LEU A 147 -17.39 -6.10 11.32
N ALA A 148 -16.42 -6.40 10.47
CA ALA A 148 -16.53 -7.51 9.52
C ALA A 148 -15.65 -8.68 9.96
N GLU A 149 -16.24 -9.86 10.10
CA GLU A 149 -15.51 -11.03 10.54
C GLU A 149 -15.73 -12.22 9.62
N VAL A 150 -14.67 -12.99 9.38
CA VAL A 150 -14.69 -14.05 8.39
C VAL A 150 -15.10 -15.41 8.95
N ALA A 151 -15.99 -16.08 8.22
CA ALA A 151 -16.35 -17.47 8.49
C ALA A 151 -16.77 -18.13 7.18
N GLN A 152 -15.79 -18.62 6.43
CA GLN A 152 -15.99 -19.15 5.09
C GLN A 152 -17.16 -20.13 4.99
N PRO A 153 -17.95 -20.01 3.91
CA PRO A 153 -17.74 -19.07 2.81
C PRO A 153 -18.38 -17.69 3.05
N PHE A 154 -18.60 -17.32 4.30
CA PHE A 154 -19.32 -16.08 4.60
C PHE A 154 -18.46 -15.02 5.28
N VAL A 155 -18.92 -13.78 5.18
CA VAL A 155 -18.43 -12.71 6.04
C VAL A 155 -19.62 -12.19 6.85
N VAL A 156 -19.43 -12.06 8.16
CA VAL A 156 -20.47 -11.51 9.01
C VAL A 156 -20.26 -10.01 9.23
N LEU A 157 -21.17 -9.20 8.71
CA LEU A 157 -21.11 -7.76 8.86
C LEU A 157 -21.90 -7.32 10.08
N GLY A 158 -21.22 -6.63 11.00
CA GLY A 158 -21.86 -6.14 12.20
C GLY A 158 -21.95 -4.63 12.23
N VAL A 159 -23.09 -4.11 12.66
CA VAL A 159 -23.31 -2.67 12.75
C VAL A 159 -23.84 -2.27 14.13
N GLY A 160 -23.17 -1.31 14.76
CA GLY A 160 -23.65 -0.73 16.00
C GLY A 160 -23.91 0.75 15.79
N LEU A 161 -25.18 1.13 15.72
CA LEU A 161 -25.56 2.51 15.44
C LEU A 161 -26.21 3.18 16.65
N ASN A 162 -25.56 4.21 17.19
CA ASN A 162 -26.09 4.93 18.34
C ASN A 162 -27.30 5.79 17.97
N VAL A 163 -28.47 5.39 18.45
CA VAL A 163 -29.71 6.09 18.13
C VAL A 163 -30.07 7.10 19.23
N THR A 164 -30.27 6.61 20.45
CA THR A 164 -30.52 7.48 21.59
C THR A 164 -29.48 7.23 22.68
N GLN A 165 -28.41 6.53 22.31
CA GLN A 165 -27.36 6.16 23.24
C GLN A 165 -26.59 7.39 23.71
N ALA A 166 -26.62 7.65 25.02
CA ALA A 166 -25.86 8.75 25.58
C ALA A 166 -24.38 8.41 25.64
N PRO A 167 -23.51 9.37 25.27
CA PRO A 167 -22.05 9.17 25.30
C PRO A 167 -21.56 8.77 26.69
N GLU A 168 -22.21 9.27 27.73
CA GLU A 168 -21.84 8.95 29.10
C GLU A 168 -22.13 7.49 29.44
N GLU A 169 -22.96 6.84 28.61
CA GLU A 169 -23.32 5.45 28.83
C GLU A 169 -22.31 4.49 28.20
N VAL A 170 -21.57 4.95 27.20
CA VAL A 170 -20.74 4.05 26.41
C VAL A 170 -19.30 4.53 26.16
N ASP A 171 -19.12 5.80 25.79
CA ASP A 171 -17.82 6.32 25.39
C ASP A 171 -17.84 7.84 25.23
N PRO A 172 -16.79 8.52 25.71
CA PRO A 172 -16.71 9.98 25.66
C PRO A 172 -16.70 10.56 24.23
N ASP A 173 -16.11 9.85 23.28
CA ASP A 173 -16.03 10.35 21.92
C ASP A 173 -17.21 9.89 21.06
N ALA A 174 -18.23 9.35 21.72
CA ALA A 174 -19.41 8.86 21.01
C ALA A 174 -20.45 9.95 20.81
N THR A 175 -21.33 9.74 19.85
CA THR A 175 -22.48 10.60 19.66
C THR A 175 -23.66 9.74 19.22
N SER A 176 -24.86 10.31 19.20
CA SER A 176 -26.04 9.60 18.76
C SER A 176 -26.94 10.53 17.96
N LEU A 177 -27.95 9.95 17.31
CA LEU A 177 -28.91 10.74 16.55
C LEU A 177 -29.62 11.73 17.45
N LEU A 178 -29.93 11.30 18.67
CA LEU A 178 -30.59 12.15 19.65
C LEU A 178 -29.70 13.31 20.06
N ASP A 179 -28.42 13.04 20.28
CA ASP A 179 -27.46 14.07 20.67
C ASP A 179 -27.07 14.95 19.48
N LEU A 180 -27.56 14.58 18.29
CA LEU A 180 -27.33 15.40 17.10
C LEU A 180 -28.54 16.27 16.78
N GLY A 181 -29.62 16.08 17.52
CA GLY A 181 -30.79 16.93 17.37
C GLY A 181 -32.06 16.21 16.96
N VAL A 182 -31.93 14.96 16.56
CA VAL A 182 -33.10 14.16 16.17
C VAL A 182 -33.94 13.86 17.41
N ALA A 183 -35.10 14.48 17.49
CA ALA A 183 -35.92 14.47 18.70
C ALA A 183 -36.47 13.10 19.07
N ALA A 184 -37.14 12.45 18.13
CA ALA A 184 -37.74 11.15 18.39
C ALA A 184 -37.41 10.15 17.29
N PRO A 185 -36.18 9.62 17.31
CA PRO A 185 -35.73 8.69 16.27
C PRO A 185 -36.50 7.37 16.35
N ASP A 186 -37.09 6.96 15.23
CA ASP A 186 -37.82 5.70 15.17
C ASP A 186 -36.91 4.59 14.64
N ARG A 187 -36.51 3.69 15.51
CA ARG A 187 -35.57 2.64 15.15
C ARG A 187 -36.13 1.67 14.10
N ASN A 188 -37.44 1.52 14.07
CA ASN A 188 -38.07 0.67 13.06
C ASN A 188 -37.88 1.23 11.65
N ARG A 189 -38.08 2.53 11.49
CA ARG A 189 -37.88 3.17 10.19
C ARG A 189 -36.41 3.14 9.80
N ILE A 190 -35.54 3.48 10.75
CA ILE A 190 -34.11 3.57 10.50
C ILE A 190 -33.51 2.22 10.16
N ALA A 191 -33.91 1.18 10.89
CA ALA A 191 -33.43 -0.17 10.62
C ALA A 191 -33.88 -0.63 9.25
N SER A 192 -35.09 -0.25 8.86
CA SER A 192 -35.64 -0.60 7.55
C SER A 192 -34.85 0.08 6.43
N ARG A 193 -34.57 1.37 6.60
CA ARG A 193 -33.76 2.11 5.64
C ARG A 193 -32.36 1.52 5.57
N LEU A 194 -31.81 1.18 6.74
CA LEU A 194 -30.44 0.68 6.84
C LEU A 194 -30.26 -0.63 6.07
N LEU A 195 -31.14 -1.59 6.31
CA LEU A 195 -31.02 -2.90 5.67
C LEU A 195 -31.31 -2.83 4.16
N ARG A 196 -32.13 -1.87 3.76
CA ARG A 196 -32.39 -1.67 2.33
C ARG A 196 -31.19 -1.05 1.63
N GLU A 197 -30.53 -0.10 2.30
CA GLU A 197 -29.30 0.50 1.78
C GLU A 197 -28.18 -0.52 1.76
N LEU A 198 -28.11 -1.33 2.82
CA LEU A 198 -27.07 -2.34 2.95
C LEU A 198 -27.17 -3.38 1.83
N GLU A 199 -28.40 -3.78 1.52
CA GLU A 199 -28.66 -4.73 0.44
C GLU A 199 -28.13 -4.21 -0.89
N ALA A 200 -28.37 -2.93 -1.18
CA ALA A 200 -27.93 -2.33 -2.43
C ALA A 200 -26.41 -2.29 -2.53
N ARG A 201 -25.75 -1.91 -1.44
CA ARG A 201 -24.30 -1.79 -1.43
C ARG A 201 -23.60 -3.14 -1.55
N ILE A 202 -24.20 -4.18 -0.96
CA ILE A 202 -23.64 -5.52 -1.03
C ILE A 202 -23.68 -6.04 -2.47
N ILE A 203 -24.81 -5.81 -3.14
CA ILE A 203 -24.95 -6.18 -4.54
C ILE A 203 -23.93 -5.43 -5.40
N GLN A 204 -23.77 -4.14 -5.12
CA GLN A 204 -22.78 -3.31 -5.81
C GLN A 204 -21.37 -3.84 -5.59
N TRP A 205 -21.06 -4.20 -4.35
CA TRP A 205 -19.75 -4.76 -4.03
C TRP A 205 -19.52 -6.08 -4.76
N ARG A 206 -20.53 -6.94 -4.74
CA ARG A 206 -20.45 -8.26 -5.35
C ARG A 206 -20.20 -8.18 -6.86
N ASN A 207 -20.68 -7.12 -7.49
CA ASN A 207 -20.54 -6.95 -8.93
C ASN A 207 -19.47 -5.93 -9.31
N ALA A 208 -18.65 -5.54 -8.33
CA ALA A 208 -17.54 -4.61 -8.53
C ALA A 208 -17.99 -3.31 -9.20
N ASN A 209 -19.12 -2.78 -8.76
CA ASN A 209 -19.66 -1.54 -9.31
C ASN A 209 -18.79 -0.35 -8.95
N PRO A 210 -18.34 0.41 -9.96
CA PRO A 210 -17.49 1.61 -9.77
C PRO A 210 -18.15 2.66 -8.88
N GLN A 211 -19.47 2.66 -8.84
CA GLN A 211 -20.22 3.66 -8.08
C GLN A 211 -19.99 3.52 -6.58
N LEU A 212 -19.67 2.31 -6.13
CA LEU A 212 -19.40 2.05 -4.72
C LEU A 212 -18.19 2.85 -4.24
N ALA A 213 -17.10 2.78 -4.98
CA ALA A 213 -15.89 3.52 -4.64
C ALA A 213 -16.09 5.02 -4.77
N ALA A 214 -16.83 5.43 -5.80
CA ALA A 214 -17.09 6.83 -6.04
C ALA A 214 -17.95 7.44 -4.92
N ASP A 215 -18.95 6.70 -4.48
CA ASP A 215 -19.84 7.16 -3.42
C ASP A 215 -19.10 7.22 -2.08
N TYR A 216 -18.15 6.32 -1.86
CA TYR A 216 -17.37 6.32 -0.63
C TYR A 216 -16.49 7.56 -0.54
N ARG A 217 -15.80 7.87 -1.63
CA ARG A 217 -14.91 9.02 -1.66
C ARG A 217 -15.67 10.32 -1.42
N ALA A 218 -16.91 10.36 -1.89
CA ALA A 218 -17.73 11.55 -1.75
C ALA A 218 -18.16 11.81 -0.31
N ARG A 219 -18.10 10.77 0.52
CA ARG A 219 -18.52 10.90 1.91
C ARG A 219 -17.34 10.74 2.87
N SER A 220 -16.13 10.60 2.33
CA SER A 220 -14.94 10.37 3.15
C SER A 220 -14.50 11.62 3.88
N LEU A 221 -14.37 11.50 5.20
CA LEU A 221 -13.83 12.58 6.03
C LEU A 221 -12.32 12.46 6.14
N THR A 222 -11.79 11.30 5.77
CA THR A 222 -10.37 11.01 5.94
C THR A 222 -9.53 11.50 4.75
N ILE A 223 -10.01 11.23 3.54
CA ILE A 223 -9.30 11.61 2.33
C ILE A 223 -9.09 13.13 2.26
N GLY A 224 -7.83 13.55 2.21
CA GLY A 224 -7.49 14.95 2.13
C GLY A 224 -7.05 15.55 3.46
N SER A 225 -7.19 14.78 4.53
CA SER A 225 -6.89 15.27 5.87
C SER A 225 -5.50 14.84 6.35
N ARG A 226 -4.88 15.66 7.18
CA ARG A 226 -3.70 15.24 7.93
C ARG A 226 -4.15 14.21 8.95
N VAL A 227 -3.48 13.06 8.98
CA VAL A 227 -3.88 11.99 9.88
C VAL A 227 -2.71 11.35 10.61
N ARG A 228 -2.99 10.87 11.82
CA ARG A 228 -2.09 9.95 12.50
C ARG A 228 -2.73 8.57 12.50
N VAL A 229 -2.07 7.61 11.85
CA VAL A 229 -2.60 6.26 11.77
C VAL A 229 -1.88 5.34 12.73
N GLU A 230 -2.63 4.80 13.69
CA GLU A 230 -2.08 3.84 14.65
C GLU A 230 -2.14 2.44 14.06
N LEU A 231 -0.99 1.94 13.63
CA LEU A 231 -0.90 0.62 13.01
C LEU A 231 -1.02 -0.49 14.04
N PRO A 232 -1.44 -1.69 13.61
CA PRO A 232 -1.38 -2.87 14.49
C PRO A 232 0.05 -3.09 14.97
N GLY A 233 0.24 -3.25 16.27
CA GLY A 233 1.56 -3.40 16.84
C GLY A 233 2.01 -2.16 17.60
N GLY A 234 1.24 -1.08 17.49
CA GLY A 234 1.46 0.11 18.28
C GLY A 234 2.18 1.27 17.60
N GLN A 235 2.66 1.06 16.37
CA GLN A 235 3.39 2.12 15.67
C GLN A 235 2.45 3.18 15.10
N ASP A 236 2.89 4.44 15.18
CA ASP A 236 2.14 5.56 14.61
C ASP A 236 2.78 6.06 13.33
N VAL A 237 1.95 6.38 12.34
CA VAL A 237 2.42 7.00 11.11
C VAL A 237 1.64 8.28 10.83
N VAL A 238 2.35 9.38 10.63
CA VAL A 238 1.72 10.66 10.34
C VAL A 238 1.93 11.03 8.87
N GLY A 239 0.84 11.40 8.20
CA GLY A 239 0.90 11.83 6.83
C GLY A 239 -0.41 12.44 6.39
N ILE A 240 -0.65 12.45 5.08
CA ILE A 240 -1.89 12.97 4.54
C ILE A 240 -2.59 11.88 3.73
N ALA A 241 -3.81 11.54 4.13
CA ALA A 241 -4.60 10.54 3.41
C ALA A 241 -4.96 11.08 2.03
N ARG A 242 -4.72 10.27 1.00
CA ARG A 242 -4.92 10.71 -0.38
C ARG A 242 -6.06 9.98 -1.09
N ASP A 243 -6.13 8.67 -0.92
CA ASP A 243 -7.09 7.88 -1.66
C ASP A 243 -7.31 6.49 -1.06
N ILE A 244 -8.32 5.80 -1.58
CA ILE A 244 -8.55 4.39 -1.28
C ILE A 244 -8.22 3.58 -2.53
N ASP A 245 -7.49 2.48 -2.36
CA ASP A 245 -7.12 1.66 -3.51
C ASP A 245 -8.19 0.58 -3.76
N ASP A 246 -7.92 -0.29 -4.73
CA ASP A 246 -8.91 -1.30 -5.14
C ASP A 246 -9.17 -2.36 -4.09
N GLN A 247 -8.33 -2.40 -3.05
CA GLN A 247 -8.50 -3.38 -1.98
C GLN A 247 -9.08 -2.75 -0.72
N GLY A 248 -9.47 -1.48 -0.82
CA GLY A 248 -10.06 -0.79 0.31
C GLY A 248 -9.03 -0.32 1.32
N ARG A 249 -7.77 -0.26 0.89
CA ARG A 249 -6.68 0.14 1.77
C ARG A 249 -6.43 1.65 1.66
N LEU A 250 -5.98 2.24 2.77
CA LEU A 250 -5.78 3.68 2.84
C LEU A 250 -4.40 4.09 2.30
N CYS A 251 -4.41 4.98 1.31
CA CYS A 251 -3.16 5.46 0.71
C CYS A 251 -2.69 6.72 1.41
N LEU A 252 -1.48 6.67 1.98
CA LEU A 252 -0.93 7.78 2.75
C LEU A 252 0.21 8.48 2.03
N ASP A 253 0.20 9.80 2.07
CA ASP A 253 1.35 10.57 1.62
C ASP A 253 2.20 10.96 2.81
N VAL A 254 3.40 10.39 2.90
CA VAL A 254 4.32 10.73 3.98
C VAL A 254 5.56 11.43 3.41
N GLY A 255 5.47 12.75 3.31
CA GLY A 255 6.58 13.55 2.82
C GLY A 255 7.01 13.20 1.41
N GLY A 256 6.07 12.77 0.58
CA GLY A 256 6.36 12.42 -0.80
C GLY A 256 6.40 10.92 -1.03
N ARG A 257 6.43 10.15 0.05
CA ARG A 257 6.45 8.69 -0.05
C ARG A 257 5.03 8.15 0.14
N THR A 258 4.69 7.12 -0.63
CA THR A 258 3.37 6.50 -0.52
C THR A 258 3.40 5.34 0.47
N VAL A 259 2.52 5.38 1.45
CA VAL A 259 2.37 4.31 2.42
C VAL A 259 0.94 3.78 2.37
N VAL A 260 0.78 2.53 1.95
CA VAL A 260 -0.54 1.92 1.86
C VAL A 260 -0.84 1.09 3.11
N VAL A 261 -1.92 1.42 3.80
CA VAL A 261 -2.27 0.77 5.06
C VAL A 261 -3.53 -0.08 4.91
N SER A 262 -3.44 -1.35 5.32
CA SER A 262 -4.56 -2.27 5.20
C SER A 262 -5.46 -2.25 6.43
N ALA A 263 -4.87 -1.91 7.58
CA ALA A 263 -5.61 -1.87 8.83
C ALA A 263 -4.97 -0.92 9.83
N GLY A 264 -5.79 -0.27 10.63
CA GLY A 264 -5.30 0.65 11.65
C GLY A 264 -6.36 1.62 12.11
N ASP A 265 -6.00 2.44 13.10
CA ASP A 265 -6.92 3.44 13.63
C ASP A 265 -6.50 4.83 13.17
N VAL A 266 -7.47 5.60 12.69
CA VAL A 266 -7.18 6.91 12.13
C VAL A 266 -7.61 8.04 13.06
N VAL A 267 -6.73 9.01 13.23
CA VAL A 267 -7.07 10.24 13.96
C VAL A 267 -6.86 11.44 13.04
N HIS A 268 -7.93 12.20 12.82
CA HIS A 268 -7.85 13.40 11.99
C HIS A 268 -7.15 14.51 12.77
N LEU A 269 -6.11 15.09 12.17
CA LEU A 269 -5.33 16.13 12.82
C LEU A 269 -5.80 17.53 12.41
N ARG A 270 -5.55 18.48 13.30
CA ARG A 270 -5.97 19.89 13.16
C ARG A 270 -5.91 20.43 11.73
N ARG B 8 46.47 3.19 -5.99
CA ARG B 8 45.11 3.06 -6.52
C ARG B 8 45.01 3.62 -7.94
N ASP B 9 45.70 4.75 -8.17
CA ASP B 9 45.69 5.40 -9.47
C ASP B 9 46.29 4.50 -10.54
N ARG B 10 47.20 3.63 -10.12
CA ARG B 10 47.86 2.69 -11.01
C ARG B 10 46.87 1.64 -11.55
N LEU B 11 45.84 1.34 -10.76
CA LEU B 11 44.86 0.33 -11.14
C LEU B 11 43.72 0.89 -11.96
N ARG B 12 43.85 2.13 -12.42
CA ARG B 12 42.75 2.79 -13.11
C ARG B 12 43.10 3.30 -14.51
N PRO B 13 43.24 2.38 -15.48
CA PRO B 13 43.38 2.81 -16.87
C PRO B 13 42.06 3.33 -17.41
N PRO B 14 42.10 4.25 -18.38
CA PRO B 14 40.86 4.77 -18.97
C PRO B 14 40.10 3.71 -19.75
N LEU B 15 38.81 3.95 -19.99
CA LEU B 15 38.00 3.02 -20.76
C LEU B 15 38.32 3.11 -22.25
N ASP B 16 38.26 1.97 -22.93
CA ASP B 16 38.44 1.92 -24.37
C ASP B 16 37.09 2.01 -25.05
N GLU B 17 36.75 3.19 -25.56
CA GLU B 17 35.44 3.43 -26.16
C GLU B 17 35.21 2.58 -27.42
N ARG B 18 36.21 2.57 -28.30
CA ARG B 18 36.09 1.83 -29.56
C ARG B 18 35.93 0.34 -29.31
N SER B 19 36.67 -0.18 -28.33
CA SER B 19 36.62 -1.59 -27.99
C SER B 19 35.22 -1.98 -27.50
N LEU B 20 34.61 -1.10 -26.71
CA LEU B 20 33.25 -1.34 -26.21
C LEU B 20 32.24 -1.33 -27.35
N ARG B 21 32.38 -0.37 -28.25
CA ARG B 21 31.50 -0.27 -29.41
C ARG B 21 31.57 -1.53 -30.28
N ASP B 22 32.79 -1.95 -30.58
CA ASP B 22 33.03 -3.13 -31.42
C ASP B 22 32.38 -4.37 -30.83
N GLN B 23 32.44 -4.49 -29.51
CA GLN B 23 31.93 -5.67 -28.82
C GLN B 23 30.41 -5.66 -28.67
N LEU B 24 29.84 -4.48 -28.47
CA LEU B 24 28.46 -4.37 -28.05
C LEU B 24 27.50 -3.81 -29.09
N ILE B 25 27.91 -2.72 -29.74
CA ILE B 25 26.99 -1.93 -30.54
C ILE B 25 26.71 -2.57 -31.91
N GLY B 26 25.52 -3.15 -32.04
CA GLY B 26 25.12 -3.84 -33.26
C GLY B 26 25.72 -5.24 -33.36
N ALA B 27 26.54 -5.61 -32.38
CA ALA B 27 27.22 -6.89 -32.38
C ALA B 27 26.73 -7.79 -31.26
N GLY B 28 27.40 -7.70 -30.11
CA GLY B 28 27.10 -8.56 -28.98
C GLY B 28 25.91 -8.12 -28.13
N SER B 29 25.21 -7.07 -28.57
CA SER B 29 24.04 -6.59 -27.84
C SER B 29 23.10 -5.80 -28.74
N GLY B 30 21.97 -5.38 -28.17
CA GLY B 30 20.99 -4.61 -28.90
C GLY B 30 21.15 -3.11 -28.76
N TRP B 31 22.10 -2.69 -27.91
CA TRP B 31 22.39 -1.27 -27.75
C TRP B 31 22.88 -0.68 -29.07
N ARG B 32 22.37 0.49 -29.45
CA ARG B 32 22.61 1.03 -30.78
C ARG B 32 23.55 2.23 -30.81
N GLN B 33 23.94 2.72 -29.63
CA GLN B 33 24.89 3.83 -29.55
C GLN B 33 25.59 3.85 -28.20
N LEU B 34 26.90 4.07 -28.21
CA LEU B 34 27.68 4.11 -26.99
C LEU B 34 28.73 5.22 -27.05
N ASP B 35 28.76 6.05 -26.01
CA ASP B 35 29.75 7.12 -25.92
C ASP B 35 30.39 7.17 -24.54
N VAL B 36 31.70 7.37 -24.52
CA VAL B 36 32.43 7.56 -23.28
C VAL B 36 32.90 9.01 -23.19
N VAL B 37 32.58 9.66 -22.08
CA VAL B 37 33.02 11.03 -21.85
C VAL B 37 33.94 11.08 -20.64
N ALA B 38 34.93 11.97 -20.68
CA ALA B 38 35.91 12.07 -19.61
C ALA B 38 35.29 12.65 -18.35
N GLN B 39 34.33 13.55 -18.51
CA GLN B 39 33.72 14.22 -17.38
C GLN B 39 32.39 14.85 -17.75
N THR B 40 31.42 14.77 -16.83
CA THR B 40 30.13 15.41 -17.01
C THR B 40 29.49 15.67 -15.65
N GLY B 41 28.39 16.41 -15.65
CA GLY B 41 27.64 16.65 -14.42
C GLY B 41 26.97 15.38 -13.94
N SER B 42 26.14 14.81 -14.82
CA SER B 42 25.44 13.57 -14.53
C SER B 42 25.05 12.86 -15.82
N THR B 43 25.39 11.59 -15.93
CA THR B 43 25.05 10.81 -17.11
C THR B 43 23.54 10.69 -17.26
N ASN B 44 22.83 10.63 -16.14
CA ASN B 44 21.37 10.60 -16.16
C ASN B 44 20.81 11.91 -16.69
N ALA B 45 21.38 13.02 -16.23
CA ALA B 45 20.94 14.35 -16.67
C ALA B 45 21.13 14.53 -18.16
N ASP B 46 22.29 14.12 -18.67
CA ASP B 46 22.62 14.29 -20.08
C ASP B 46 21.64 13.55 -20.99
N LEU B 47 21.33 12.31 -20.65
CA LEU B 47 20.41 11.51 -21.46
C LEU B 47 18.99 12.09 -21.39
N LEU B 48 18.62 12.59 -20.22
CA LEU B 48 17.31 13.22 -20.05
C LEU B 48 17.21 14.48 -20.90
N ALA B 49 18.32 15.19 -21.03
CA ALA B 49 18.36 16.40 -21.83
C ALA B 49 18.24 16.09 -23.32
N ARG B 50 18.87 15.00 -23.75
CA ARG B 50 18.79 14.58 -25.14
C ARG B 50 17.35 14.29 -25.54
N ALA B 51 16.65 13.54 -24.70
CA ALA B 51 15.26 13.17 -24.96
C ALA B 51 14.38 14.41 -24.99
N ALA B 52 14.60 15.31 -24.05
CA ALA B 52 13.83 16.56 -23.97
C ALA B 52 14.08 17.44 -25.20
N SER B 53 15.23 17.25 -25.84
CA SER B 53 15.56 18.00 -27.04
C SER B 53 14.98 17.35 -28.28
N GLY B 54 14.41 16.16 -28.11
CA GLY B 54 13.71 15.49 -29.20
C GLY B 54 14.41 14.27 -29.77
N ALA B 55 15.55 13.91 -29.19
CA ALA B 55 16.29 12.74 -29.64
C ALA B 55 15.74 11.46 -29.03
N ASP B 56 15.71 10.38 -29.81
CA ASP B 56 15.29 9.09 -29.28
C ASP B 56 16.47 8.43 -28.57
N ILE B 57 16.30 8.10 -27.31
CA ILE B 57 17.39 7.57 -26.51
C ILE B 57 17.22 6.08 -26.21
N ASP B 58 16.24 5.44 -26.84
CA ASP B 58 16.04 4.00 -26.65
C ASP B 58 17.23 3.23 -27.18
N GLY B 59 17.90 2.50 -26.29
CA GLY B 59 19.06 1.71 -26.68
C GLY B 59 20.34 2.53 -26.74
N VAL B 60 20.30 3.73 -26.15
CA VAL B 60 21.46 4.61 -26.15
C VAL B 60 22.23 4.51 -24.82
N VAL B 61 23.55 4.43 -24.92
CA VAL B 61 24.40 4.25 -23.75
C VAL B 61 25.39 5.41 -23.59
N LEU B 62 25.49 5.93 -22.37
CA LEU B 62 26.45 6.99 -22.07
C LEU B 62 27.26 6.65 -20.83
N ILE B 63 28.58 6.62 -20.98
CA ILE B 63 29.48 6.29 -19.87
C ILE B 63 30.42 7.46 -19.58
N ALA B 64 30.65 7.73 -18.29
CA ALA B 64 31.54 8.82 -17.89
C ALA B 64 32.65 8.35 -16.97
N GLU B 65 33.86 8.86 -17.20
CA GLU B 65 35.00 8.54 -16.35
C GLU B 65 34.86 9.22 -15.00
N HIS B 66 34.31 10.43 -15.00
CA HIS B 66 34.09 11.17 -13.77
C HIS B 66 32.76 11.90 -13.79
N GLN B 67 32.17 12.04 -12.61
CA GLN B 67 30.87 12.70 -12.46
C GLN B 67 30.95 13.71 -11.31
N THR B 68 30.69 14.98 -11.61
CA THR B 68 30.85 16.03 -10.62
C THR B 68 29.56 16.33 -9.86
N ALA B 69 28.42 16.19 -10.53
CA ALA B 69 27.12 16.44 -9.92
C ALA B 69 26.23 15.20 -9.96
N GLY B 70 26.75 14.10 -9.44
CA GLY B 70 26.03 12.83 -9.46
C GLY B 70 24.73 12.86 -8.70
N ARG B 71 23.76 12.07 -9.16
CA ARG B 71 22.44 12.03 -8.55
C ARG B 71 22.16 10.68 -7.86
N GLY B 72 21.69 10.76 -6.63
CA GLY B 72 21.15 9.59 -5.95
C GLY B 72 19.64 9.70 -6.00
N ARG B 73 18.94 8.83 -5.28
CA ARG B 73 17.49 8.91 -5.25
C ARG B 73 17.03 9.85 -4.14
N HIS B 74 15.82 10.38 -4.28
CA HIS B 74 15.21 11.24 -3.27
C HIS B 74 16.02 12.51 -2.99
N GLY B 75 16.63 13.06 -4.03
CA GLY B 75 17.33 14.33 -3.90
C GLY B 75 18.77 14.20 -3.44
N ARG B 76 19.15 13.00 -3.00
CA ARG B 76 20.52 12.78 -2.55
C ARG B 76 21.47 12.79 -3.74
N GLY B 77 22.76 12.74 -3.46
CA GLY B 77 23.77 12.78 -4.51
C GLY B 77 24.52 11.48 -4.65
N TRP B 78 25.51 11.47 -5.55
CA TRP B 78 26.36 10.32 -5.75
C TRP B 78 27.78 10.76 -6.03
N ALA B 79 28.72 10.28 -5.21
CA ALA B 79 30.12 10.67 -5.31
C ALA B 79 30.93 9.65 -6.11
N ALA B 80 32.00 10.12 -6.74
CA ALA B 80 32.85 9.25 -7.53
C ALA B 80 34.23 9.85 -7.77
N THR B 81 35.26 9.02 -7.62
CA THR B 81 36.62 9.38 -8.02
C THR B 81 36.77 9.05 -9.50
N ALA B 82 37.53 9.86 -10.22
CA ALA B 82 37.72 9.66 -11.66
C ALA B 82 38.26 8.26 -11.98
N ARG B 83 37.58 7.59 -12.90
CA ARG B 83 37.98 6.27 -13.40
C ARG B 83 37.99 5.17 -12.33
N ALA B 84 37.35 5.45 -11.19
CA ALA B 84 37.30 4.48 -10.09
C ALA B 84 36.01 3.69 -10.12
N GLN B 85 35.03 4.19 -10.87
CA GLN B 85 33.74 3.52 -10.97
C GLN B 85 33.34 3.26 -12.42
N ILE B 86 32.40 2.34 -12.61
CA ILE B 86 31.68 2.26 -13.88
C ILE B 86 30.44 3.12 -13.75
N ILE B 87 30.46 4.26 -14.43
CA ILE B 87 29.38 5.25 -14.34
C ILE B 87 28.66 5.34 -15.68
N LEU B 88 27.46 4.77 -15.76
CA LEU B 88 26.74 4.79 -17.01
C LEU B 88 25.23 5.00 -16.86
N SER B 89 24.63 5.49 -17.93
CA SER B 89 23.17 5.59 -18.03
C SER B 89 22.73 5.01 -19.37
N VAL B 90 21.57 4.36 -19.39
CA VAL B 90 21.01 3.85 -20.62
C VAL B 90 19.57 4.32 -20.79
N GLY B 91 19.14 4.49 -22.03
CA GLY B 91 17.79 4.92 -22.32
C GLY B 91 16.90 3.76 -22.73
N VAL B 92 15.71 3.70 -22.16
CA VAL B 92 14.77 2.62 -22.42
C VAL B 92 13.37 3.14 -22.71
N ARG B 93 12.83 2.80 -23.88
CA ARG B 93 11.44 3.11 -24.20
C ARG B 93 10.51 2.19 -23.39
N VAL B 94 9.56 2.79 -22.68
CA VAL B 94 8.74 2.04 -21.74
C VAL B 94 7.23 2.18 -21.98
N VAL B 95 6.85 3.02 -22.95
CA VAL B 95 5.44 3.35 -23.18
C VAL B 95 4.60 2.11 -23.53
N ASP B 96 5.25 1.08 -24.07
CA ASP B 96 4.56 -0.16 -24.44
C ASP B 96 4.19 -0.99 -23.20
N VAL B 97 4.83 -0.69 -22.08
CA VAL B 97 4.63 -1.44 -20.85
C VAL B 97 3.70 -0.70 -19.90
N PRO B 98 2.71 -1.41 -19.32
CA PRO B 98 1.80 -0.84 -18.31
C PRO B 98 2.56 -0.06 -17.24
N VAL B 99 2.07 1.15 -16.95
CA VAL B 99 2.78 2.10 -16.10
C VAL B 99 3.07 1.56 -14.69
N GLN B 100 2.23 0.66 -14.20
CA GLN B 100 2.41 0.09 -12.87
C GLN B 100 3.72 -0.69 -12.75
N ALA B 101 4.11 -1.34 -13.84
CA ALA B 101 5.28 -2.22 -13.84
C ALA B 101 6.59 -1.49 -14.05
N TRP B 102 6.54 -0.16 -14.07
CA TRP B 102 7.74 0.64 -14.34
C TRP B 102 8.70 0.64 -13.16
N GLY B 103 8.18 0.44 -11.96
CA GLY B 103 8.99 0.42 -10.76
C GLY B 103 9.92 -0.79 -10.71
N TRP B 104 9.65 -1.77 -11.55
CA TRP B 104 10.44 -3.01 -11.59
C TRP B 104 11.69 -2.87 -12.44
N LEU B 105 11.77 -1.81 -13.24
CA LEU B 105 12.90 -1.61 -14.12
C LEU B 105 14.19 -1.36 -13.34
N SER B 106 14.08 -0.62 -12.25
CA SER B 106 15.23 -0.35 -11.40
C SER B 106 15.66 -1.62 -10.67
N LEU B 107 14.69 -2.41 -10.26
CA LEU B 107 14.96 -3.68 -9.60
C LEU B 107 15.66 -4.62 -10.56
N ALA B 108 15.22 -4.62 -11.81
CA ALA B 108 15.82 -5.43 -12.86
C ALA B 108 17.27 -5.04 -13.09
N ALA B 109 17.54 -3.74 -13.01
CA ALA B 109 18.91 -3.23 -13.19
C ALA B 109 19.80 -3.67 -12.04
N GLY B 110 19.20 -3.85 -10.87
CA GLY B 110 19.93 -4.33 -9.71
C GLY B 110 20.41 -5.76 -9.91
N LEU B 111 19.54 -6.59 -10.49
CA LEU B 111 19.91 -7.97 -10.80
C LEU B 111 21.06 -8.03 -11.79
N ALA B 112 21.00 -7.17 -12.80
CA ALA B 112 22.01 -7.14 -13.86
C ALA B 112 23.39 -6.84 -13.29
N VAL B 113 23.46 -5.83 -12.43
CA VAL B 113 24.71 -5.47 -11.76
C VAL B 113 25.23 -6.65 -10.96
N LEU B 114 24.34 -7.28 -10.21
CA LEU B 114 24.69 -8.39 -9.34
C LEU B 114 25.21 -9.59 -10.13
N ASP B 115 24.54 -9.90 -11.24
CA ASP B 115 24.96 -11.02 -12.08
C ASP B 115 26.27 -10.72 -12.80
N SER B 116 26.58 -9.44 -12.95
CA SER B 116 27.77 -9.01 -13.67
C SER B 116 29.05 -9.21 -12.86
N VAL B 117 28.97 -8.99 -11.56
CA VAL B 117 30.16 -9.04 -10.70
C VAL B 117 30.25 -10.33 -9.90
N ALA B 118 29.18 -11.12 -9.94
CA ALA B 118 29.12 -12.38 -9.20
C ALA B 118 30.28 -13.34 -9.51
N PRO B 119 30.64 -13.52 -10.80
CA PRO B 119 31.75 -14.46 -11.04
C PRO B 119 33.12 -13.89 -10.68
N LEU B 120 33.18 -12.67 -10.17
CA LEU B 120 34.44 -12.03 -9.84
C LEU B 120 34.80 -12.14 -8.36
N ILE B 121 33.78 -12.23 -7.51
CA ILE B 121 34.00 -12.12 -6.07
C ILE B 121 34.12 -13.46 -5.35
N ALA B 122 34.51 -13.40 -4.08
CA ALA B 122 34.82 -14.58 -3.29
C ALA B 122 33.59 -15.42 -2.96
N VAL B 123 32.70 -14.89 -2.12
CA VAL B 123 31.50 -15.61 -1.71
C VAL B 123 30.24 -14.78 -1.95
N THR B 128 25.83 -11.07 0.26
CA THR B 128 25.81 -10.51 -1.07
C THR B 128 24.45 -10.69 -1.73
N GLY B 129 23.88 -9.60 -2.22
CA GLY B 129 22.58 -9.63 -2.85
C GLY B 129 22.01 -8.23 -3.05
N LEU B 130 20.68 -8.14 -3.12
CA LEU B 130 20.02 -6.88 -3.41
C LEU B 130 19.24 -6.35 -2.20
N LYS B 131 19.53 -5.12 -1.81
CA LYS B 131 18.74 -4.45 -0.79
C LYS B 131 17.75 -3.50 -1.44
N TRP B 132 16.47 -3.72 -1.16
CA TRP B 132 15.40 -2.91 -1.73
C TRP B 132 15.54 -1.44 -1.34
N PRO B 133 15.41 -0.53 -2.32
CA PRO B 133 15.27 -0.82 -3.75
C PRO B 133 16.53 -0.52 -4.55
N ASN B 134 17.39 0.34 -4.01
CA ASN B 134 18.41 1.01 -4.78
C ASN B 134 19.79 0.34 -4.70
N ASP B 135 19.90 -0.68 -3.86
CA ASP B 135 21.21 -1.11 -3.37
C ASP B 135 21.66 -2.51 -3.80
N VAL B 136 22.90 -2.58 -4.27
CA VAL B 136 23.59 -3.86 -4.47
C VAL B 136 24.64 -4.03 -3.37
N LEU B 137 24.47 -5.04 -2.52
CA LEU B 137 25.36 -5.22 -1.38
C LEU B 137 26.29 -6.41 -1.51
N ALA B 138 27.46 -6.29 -0.91
CA ALA B 138 28.40 -7.40 -0.79
C ALA B 138 29.15 -7.26 0.53
N ARG B 139 28.98 -8.24 1.41
CA ARG B 139 29.52 -8.18 2.77
C ARG B 139 29.02 -6.95 3.52
N GLY B 140 27.75 -6.62 3.32
CA GLY B 140 27.13 -5.51 4.01
C GLY B 140 27.47 -4.14 3.47
N GLY B 141 28.36 -4.08 2.48
CA GLY B 141 28.78 -2.83 1.90
C GLY B 141 28.10 -2.55 0.56
N LYS B 142 27.74 -1.30 0.32
CA LYS B 142 27.07 -0.93 -0.91
C LYS B 142 28.05 -0.94 -2.08
N LEU B 143 27.90 -1.93 -2.96
CA LEU B 143 28.78 -2.10 -4.09
C LEU B 143 28.35 -1.23 -5.27
N ALA B 144 27.04 -0.98 -5.38
CA ALA B 144 26.50 -0.19 -6.47
C ALA B 144 25.13 0.41 -6.14
N GLY B 145 24.84 1.56 -6.74
CA GLY B 145 23.55 2.20 -6.57
C GLY B 145 22.85 2.36 -7.91
N ILE B 146 21.51 2.30 -7.89
CA ILE B 146 20.72 2.37 -9.11
C ILE B 146 19.72 3.52 -9.05
N LEU B 147 19.66 4.31 -10.11
CA LEU B 147 18.69 5.41 -10.19
C LEU B 147 17.94 5.41 -11.51
N ALA B 148 16.62 5.30 -11.43
CA ALA B 148 15.77 5.39 -12.60
C ALA B 148 15.00 6.71 -12.61
N GLU B 149 15.04 7.41 -13.72
CA GLU B 149 14.31 8.67 -13.86
C GLU B 149 13.42 8.65 -15.10
N VAL B 150 12.18 9.10 -14.94
CA VAL B 150 11.18 8.97 -15.98
C VAL B 150 11.06 10.21 -16.86
N ALA B 151 11.10 10.01 -18.17
CA ALA B 151 10.80 11.04 -19.14
C ALA B 151 10.14 10.39 -20.37
N GLN B 152 8.82 10.26 -20.31
CA GLN B 152 8.06 9.53 -21.32
C GLN B 152 8.39 9.99 -22.74
N PRO B 153 8.46 9.05 -23.68
CA PRO B 153 8.19 7.62 -23.50
C PRO B 153 9.38 6.81 -22.98
N PHE B 154 10.36 7.48 -22.37
CA PHE B 154 11.57 6.81 -21.93
C PHE B 154 11.71 6.72 -20.42
N VAL B 155 12.54 5.79 -19.98
CA VAL B 155 13.08 5.78 -18.64
C VAL B 155 14.60 5.81 -18.76
N VAL B 156 15.25 6.69 -18.00
CA VAL B 156 16.71 6.75 -18.00
C VAL B 156 17.25 5.95 -16.81
N LEU B 157 18.00 4.90 -17.12
CA LEU B 157 18.47 3.95 -16.11
C LEU B 157 19.94 4.19 -15.80
N GLY B 158 20.23 4.63 -14.58
CA GLY B 158 21.59 4.96 -14.20
C GLY B 158 22.21 3.98 -13.22
N VAL B 159 23.48 3.64 -13.45
CA VAL B 159 24.20 2.69 -12.60
C VAL B 159 25.54 3.26 -12.15
N GLY B 160 25.81 3.21 -10.85
CA GLY B 160 27.10 3.59 -10.31
C GLY B 160 27.74 2.43 -9.60
N LEU B 161 28.71 1.79 -10.24
CA LEU B 161 29.35 0.59 -9.70
C LEU B 161 30.77 0.87 -9.22
N ASN B 162 31.00 0.66 -7.92
CA ASN B 162 32.32 0.86 -7.33
C ASN B 162 33.29 -0.24 -7.74
N VAL B 163 34.27 0.12 -8.56
CA VAL B 163 35.24 -0.85 -9.07
C VAL B 163 36.52 -0.83 -8.25
N THR B 164 37.17 0.33 -8.21
CA THR B 164 38.36 0.53 -7.38
C THR B 164 38.15 1.72 -6.44
N GLN B 165 36.88 2.13 -6.32
CA GLN B 165 36.51 3.29 -5.51
C GLN B 165 36.83 3.04 -4.03
N ALA B 166 37.49 4.02 -3.41
CA ALA B 166 37.80 3.94 -1.99
C ALA B 166 36.63 4.47 -1.16
N PRO B 167 36.22 3.70 -0.13
CA PRO B 167 35.12 4.07 0.76
C PRO B 167 35.30 5.44 1.41
N GLU B 168 36.54 5.81 1.71
CA GLU B 168 36.84 7.08 2.35
C GLU B 168 36.38 8.28 1.50
N GLU B 169 36.32 8.08 0.19
CA GLU B 169 36.04 9.17 -0.74
C GLU B 169 34.56 9.39 -1.03
N VAL B 170 33.74 8.37 -0.82
CA VAL B 170 32.35 8.45 -1.24
C VAL B 170 31.35 8.26 -0.10
N ASP B 171 31.60 7.25 0.74
CA ASP B 171 30.71 6.89 1.84
C ASP B 171 31.34 5.75 2.62
N PRO B 172 31.31 5.84 3.97
CA PRO B 172 31.94 4.82 4.81
C PRO B 172 31.28 3.45 4.69
N ASP B 173 30.00 3.43 4.34
CA ASP B 173 29.26 2.18 4.22
C ASP B 173 29.45 1.55 2.85
N ALA B 174 30.26 2.20 2.02
CA ALA B 174 30.51 1.71 0.67
C ALA B 174 31.59 0.64 0.64
N THR B 175 31.65 -0.07 -0.48
CA THR B 175 32.71 -1.03 -0.75
C THR B 175 32.95 -1.07 -2.24
N SER B 176 33.98 -1.79 -2.67
CA SER B 176 34.29 -1.89 -4.09
C SER B 176 34.82 -3.28 -4.43
N LEU B 177 34.91 -3.59 -5.72
CA LEU B 177 35.41 -4.87 -6.17
C LEU B 177 36.85 -5.09 -5.71
N LEU B 178 37.64 -4.03 -5.71
CA LEU B 178 39.03 -4.10 -5.27
C LEU B 178 39.13 -4.43 -3.79
N ASP B 179 38.34 -3.71 -2.98
CA ASP B 179 38.31 -3.94 -1.54
C ASP B 179 37.73 -5.32 -1.21
N LEU B 180 36.93 -5.86 -2.12
CA LEU B 180 36.31 -7.17 -1.93
C LEU B 180 37.24 -8.31 -2.34
N GLY B 181 38.42 -7.96 -2.83
CA GLY B 181 39.44 -8.96 -3.11
C GLY B 181 39.82 -9.15 -4.57
N VAL B 182 39.06 -8.56 -5.49
CA VAL B 182 39.38 -8.65 -6.90
C VAL B 182 40.69 -7.92 -7.19
N ALA B 183 41.71 -8.68 -7.60
CA ALA B 183 43.07 -8.18 -7.74
C ALA B 183 43.18 -6.95 -8.64
N ALA B 184 42.97 -7.14 -9.93
CA ALA B 184 43.07 -6.05 -10.90
C ALA B 184 41.82 -5.99 -11.77
N PRO B 185 40.79 -5.28 -11.28
CA PRO B 185 39.49 -5.22 -11.96
C PRO B 185 39.58 -4.59 -13.36
N ASP B 186 39.07 -5.31 -14.36
CA ASP B 186 39.07 -4.81 -15.73
C ASP B 186 37.74 -4.13 -16.02
N ARG B 187 37.73 -2.81 -15.98
CA ARG B 187 36.49 -2.05 -16.16
C ARG B 187 35.87 -2.26 -17.53
N ASN B 188 36.71 -2.46 -18.55
CA ASN B 188 36.21 -2.69 -19.90
C ASN B 188 35.43 -4.00 -19.99
N ARG B 189 35.99 -5.06 -19.42
CA ARG B 189 35.34 -6.37 -19.42
C ARG B 189 34.08 -6.36 -18.55
N ILE B 190 34.13 -5.66 -17.43
CA ILE B 190 33.00 -5.59 -16.53
C ILE B 190 31.86 -4.77 -17.12
N ALA B 191 32.20 -3.63 -17.74
CA ALA B 191 31.20 -2.79 -18.38
C ALA B 191 30.53 -3.52 -19.55
N SER B 192 31.36 -4.19 -20.36
CA SER B 192 30.85 -4.96 -21.49
C SER B 192 29.87 -6.04 -21.02
N ARG B 193 30.21 -6.69 -19.92
CA ARG B 193 29.34 -7.72 -19.36
C ARG B 193 28.08 -7.10 -18.75
N LEU B 194 28.25 -5.99 -18.04
CA LEU B 194 27.15 -5.31 -17.39
C LEU B 194 26.08 -4.88 -18.40
N LEU B 195 26.52 -4.36 -19.54
CA LEU B 195 25.59 -3.88 -20.55
C LEU B 195 24.84 -5.02 -21.24
N ARG B 196 25.46 -6.19 -21.33
CA ARG B 196 24.77 -7.36 -21.86
C ARG B 196 23.74 -7.88 -20.85
N GLU B 197 24.12 -7.94 -19.59
CA GLU B 197 23.22 -8.39 -18.54
C GLU B 197 22.05 -7.44 -18.39
N LEU B 198 22.32 -6.14 -18.53
CA LEU B 198 21.29 -5.11 -18.47
C LEU B 198 20.22 -5.32 -19.53
N GLU B 199 20.66 -5.53 -20.77
CA GLU B 199 19.72 -5.76 -21.86
C GLU B 199 18.84 -6.97 -21.59
N ALA B 200 19.47 -8.04 -21.08
CA ALA B 200 18.75 -9.27 -20.77
C ALA B 200 17.63 -9.02 -19.78
N ARG B 201 17.94 -8.30 -18.70
CA ARG B 201 16.95 -8.01 -17.66
C ARG B 201 15.87 -7.06 -18.14
N ILE B 202 16.25 -6.11 -18.99
CA ILE B 202 15.28 -5.15 -19.53
C ILE B 202 14.29 -5.87 -20.46
N ILE B 203 14.80 -6.77 -21.29
CA ILE B 203 13.95 -7.55 -22.18
C ILE B 203 13.00 -8.43 -21.37
N GLN B 204 13.52 -9.03 -20.30
CA GLN B 204 12.70 -9.84 -19.40
C GLN B 204 11.57 -8.99 -18.80
N TRP B 205 11.93 -7.82 -18.32
CA TRP B 205 10.95 -6.87 -17.78
C TRP B 205 9.94 -6.47 -18.84
N ARG B 206 10.42 -6.23 -20.05
CA ARG B 206 9.60 -5.76 -21.15
C ARG B 206 8.56 -6.80 -21.57
N ASN B 207 8.98 -8.06 -21.63
CA ASN B 207 8.10 -9.15 -22.04
C ASN B 207 7.38 -9.78 -20.86
N ALA B 208 7.51 -9.15 -19.69
CA ALA B 208 6.92 -9.64 -18.45
C ALA B 208 7.29 -11.10 -18.17
N ASN B 209 8.55 -11.45 -18.47
CA ASN B 209 9.07 -12.76 -18.13
C ASN B 209 9.03 -12.98 -16.62
N PRO B 210 8.31 -14.02 -16.18
CA PRO B 210 8.10 -14.31 -14.76
C PRO B 210 9.39 -14.48 -13.95
N GLN B 211 10.45 -14.95 -14.61
CA GLN B 211 11.73 -15.22 -13.94
C GLN B 211 12.43 -13.91 -13.53
N LEU B 212 11.84 -12.76 -13.87
CA LEU B 212 12.37 -11.49 -13.38
C LEU B 212 12.10 -11.30 -11.91
N ALA B 213 10.82 -11.28 -11.54
CA ALA B 213 10.42 -11.12 -10.14
C ALA B 213 10.90 -12.27 -9.29
N ALA B 214 11.00 -13.46 -9.90
CA ALA B 214 11.46 -14.64 -9.21
C ALA B 214 12.95 -14.54 -8.85
N ASP B 215 13.75 -14.15 -9.83
CA ASP B 215 15.20 -14.01 -9.62
C ASP B 215 15.54 -12.90 -8.65
N TYR B 216 14.72 -11.86 -8.62
CA TYR B 216 14.94 -10.75 -7.71
C TYR B 216 14.71 -11.20 -6.27
N ARG B 217 13.59 -11.87 -6.04
CA ARG B 217 13.24 -12.33 -4.70
C ARG B 217 14.25 -13.35 -4.20
N ALA B 218 14.86 -14.08 -5.12
CA ALA B 218 15.85 -15.09 -4.76
C ALA B 218 17.15 -14.46 -4.27
N ARG B 219 17.55 -13.36 -4.89
CA ARG B 219 18.79 -12.68 -4.53
C ARG B 219 18.55 -11.56 -3.53
N SER B 220 17.31 -11.43 -3.05
CA SER B 220 16.94 -10.35 -2.15
C SER B 220 17.48 -10.56 -0.74
N LEU B 221 18.10 -9.50 -0.20
CA LEU B 221 18.59 -9.52 1.16
C LEU B 221 17.57 -8.92 2.12
N THR B 222 16.57 -8.26 1.55
CA THR B 222 15.54 -7.58 2.34
C THR B 222 14.40 -8.53 2.71
N ILE B 223 13.91 -9.27 1.73
CA ILE B 223 12.79 -10.18 1.91
C ILE B 223 13.08 -11.28 2.93
N GLY B 224 12.17 -11.43 3.89
CA GLY B 224 12.29 -12.47 4.90
C GLY B 224 12.88 -11.98 6.19
N SER B 225 13.32 -10.72 6.21
CA SER B 225 13.97 -10.17 7.39
C SER B 225 13.16 -9.01 7.97
N ARG B 226 13.27 -8.82 9.29
CA ARG B 226 12.67 -7.67 9.93
C ARG B 226 13.46 -6.44 9.53
N VAL B 227 12.76 -5.42 9.03
CA VAL B 227 13.44 -4.22 8.55
C VAL B 227 12.86 -2.94 9.14
N ARG B 228 13.68 -1.89 9.14
CA ARG B 228 13.24 -0.56 9.52
C ARG B 228 13.20 0.31 8.27
N VAL B 229 12.02 0.84 7.95
CA VAL B 229 11.88 1.69 6.79
C VAL B 229 11.75 3.15 7.20
N GLU B 230 12.79 3.93 6.92
CA GLU B 230 12.81 5.34 7.30
C GLU B 230 11.92 6.18 6.38
N LEU B 231 11.19 7.10 6.99
CA LEU B 231 10.26 7.96 6.25
C LEU B 231 10.46 9.42 6.67
N PRO B 232 10.13 10.36 5.77
CA PRO B 232 10.25 11.80 6.05
C PRO B 232 9.55 12.22 7.34
N GLY B 233 10.05 13.25 7.99
CA GLY B 233 9.50 13.70 9.25
C GLY B 233 10.12 12.97 10.43
N GLY B 234 11.26 12.33 10.18
CA GLY B 234 11.95 11.56 11.20
C GLY B 234 11.15 10.37 11.66
N GLN B 235 10.36 9.81 10.75
CA GLN B 235 9.50 8.68 11.07
C GLN B 235 10.08 7.37 10.56
N ASP B 236 9.60 6.26 11.12
CA ASP B 236 10.04 4.94 10.70
C ASP B 236 8.96 3.89 10.97
N VAL B 237 8.80 2.96 10.04
CA VAL B 237 7.91 1.83 10.26
C VAL B 237 8.73 0.54 10.24
N VAL B 238 8.50 -0.31 11.24
CA VAL B 238 9.22 -1.57 11.35
C VAL B 238 8.27 -2.73 11.09
N GLY B 239 8.72 -3.69 10.28
CA GLY B 239 7.93 -4.87 9.99
C GLY B 239 8.75 -5.93 9.30
N ILE B 240 8.13 -7.07 9.02
CA ILE B 240 8.80 -8.14 8.30
C ILE B 240 8.56 -7.99 6.80
N ALA B 241 9.64 -7.80 6.05
CA ALA B 241 9.53 -7.70 4.60
C ALA B 241 9.09 -9.04 4.03
N ARG B 242 7.85 -9.10 3.56
CA ARG B 242 7.26 -10.35 3.10
C ARG B 242 7.39 -10.55 1.60
N ASP B 243 7.26 -9.48 0.84
CA ASP B 243 7.27 -9.59 -0.62
C ASP B 243 7.43 -8.26 -1.34
N ILE B 244 7.58 -8.33 -2.66
CA ILE B 244 7.56 -7.16 -3.52
C ILE B 244 6.32 -7.26 -4.41
N ASP B 245 5.52 -6.21 -4.48
CA ASP B 245 4.27 -6.28 -5.23
C ASP B 245 4.48 -6.03 -6.73
N ASP B 246 3.37 -6.01 -7.48
CA ASP B 246 3.42 -5.86 -8.93
C ASP B 246 3.98 -4.51 -9.36
N GLN B 247 4.04 -3.55 -8.44
CA GLN B 247 4.54 -2.22 -8.75
C GLN B 247 5.97 -2.02 -8.25
N GLY B 248 6.56 -3.08 -7.71
CA GLY B 248 7.92 -3.01 -7.20
C GLY B 248 8.01 -2.37 -5.82
N ARG B 249 6.90 -2.37 -5.11
CA ARG B 249 6.87 -1.79 -3.77
C ARG B 249 7.05 -2.85 -2.70
N LEU B 250 7.59 -2.44 -1.55
CA LEU B 250 7.88 -3.37 -0.46
C LEU B 250 6.65 -3.64 0.40
N CYS B 251 6.23 -4.90 0.47
CA CYS B 251 5.11 -5.30 1.31
C CYS B 251 5.60 -5.76 2.68
N LEU B 252 5.21 -5.02 3.72
CA LEU B 252 5.62 -5.34 5.08
C LEU B 252 4.54 -6.05 5.86
N ASP B 253 4.94 -6.99 6.72
CA ASP B 253 4.05 -7.49 7.75
C ASP B 253 4.22 -6.63 9.00
N VAL B 254 3.19 -5.85 9.32
CA VAL B 254 3.23 -5.00 10.51
C VAL B 254 2.12 -5.39 11.48
N GLY B 255 2.51 -6.01 12.59
CA GLY B 255 1.55 -6.40 13.61
C GLY B 255 0.53 -7.42 13.14
N GLY B 256 0.85 -8.12 12.07
CA GLY B 256 -0.03 -9.14 11.53
C GLY B 256 -0.74 -8.72 10.25
N ARG B 257 -0.64 -7.45 9.89
CA ARG B 257 -1.31 -6.93 8.71
C ARG B 257 -0.33 -6.29 7.73
N THR B 258 -0.77 -6.12 6.49
CA THR B 258 0.09 -5.62 5.42
C THR B 258 0.22 -4.11 5.39
N VAL B 259 1.45 -3.62 5.25
CA VAL B 259 1.72 -2.21 4.98
C VAL B 259 2.65 -2.11 3.78
N VAL B 260 2.22 -1.36 2.77
CA VAL B 260 3.00 -1.24 1.54
C VAL B 260 3.73 0.10 1.48
N VAL B 261 5.01 0.06 1.13
CA VAL B 261 5.83 1.26 1.03
C VAL B 261 6.40 1.41 -0.38
N SER B 262 6.13 2.55 -1.01
CA SER B 262 6.54 2.78 -2.39
C SER B 262 8.05 2.97 -2.51
N ALA B 263 8.61 3.76 -1.61
CA ALA B 263 10.04 4.02 -1.60
C ALA B 263 10.49 4.41 -0.19
N GLY B 264 11.78 4.29 0.06
CA GLY B 264 12.33 4.62 1.37
C GLY B 264 13.64 3.91 1.64
N ASP B 265 14.30 4.30 2.72
CA ASP B 265 15.59 3.72 3.08
C ASP B 265 15.42 2.56 4.06
N VAL B 266 15.87 1.39 3.65
CA VAL B 266 15.72 0.19 4.46
C VAL B 266 16.95 -0.08 5.31
N VAL B 267 16.72 -0.36 6.58
CA VAL B 267 17.77 -0.87 7.46
C VAL B 267 17.41 -2.30 7.86
N HIS B 268 18.30 -3.24 7.56
CA HIS B 268 18.08 -4.63 7.95
C HIS B 268 18.35 -4.81 9.44
N LEU B 269 17.31 -5.16 10.19
CA LEU B 269 17.42 -5.32 11.63
C LEU B 269 17.87 -6.73 12.00
N ARG B 270 19.16 -7.01 11.81
CA ARG B 270 19.74 -8.28 12.18
C ARG B 270 21.27 -8.20 12.21
#